data_7ZLY
#
_entry.id   7ZLY
#
_cell.length_a   81.080
_cell.length_b   82.150
_cell.length_c   86.310
_cell.angle_alpha   90.000
_cell.angle_beta   90.000
_cell.angle_gamma   90.000
#
_symmetry.space_group_name_H-M   'P 21 2 21'
#
loop_
_entity.id
_entity.type
_entity.pdbx_description
1 polymer 'Hydroxycarboxylic acid receptor 2,Soluble cytochrome b562'
2 non-polymer 'OLEIC ACID'
3 non-polymer '(2R)-2,3-dihydroxypropyl (9Z)-octadec-9-enoate'
#
_entity_poly.entity_id   1
_entity_poly.type   'polypeptide(L)'
_entity_poly.pdbx_seq_one_letter_code
;MNRHHLQDHFLEIDKKNCCVFRDDFIVKVLPPVLGLEFIFGLLGNGLALWIFCFHLKSWKSSRIFLFNLVVADFLLIICL
PFLMDNYVRRWDWKFGDIPCRLMLFMLAMNRQGSIIFLTVVAVDRYFRVVHPHHALNKISNRTAAIISCLLWGITIGLTV
HLLKKKMPIQNGGANLCSSFSICHTFQWHEAMFLLEFFLPLGIILFCSARIIWSLRQRQADLEDNWETLNDNLKVIEKAD
NAAQVKDALTKMRAAALDAQKATPPKLEDKSPDSPEMKDFRHGFDILVGQIDDALKLANEGKVKEAQAAAEQLKTTRNAY
IQKYLMDRHAKIKRAITFIMVVAIVFVICFLPSVVVRIRIFWLLHTSGTQNCEVYRSVDLAFFITLSFTYMNVMLDPVVY
YFSSPSFPNFFSTLINRCLQRKMTGEPDNNR
;
_entity_poly.pdbx_strand_id   A
#
loop_
_chem_comp.id
_chem_comp.type
_chem_comp.name
_chem_comp.formula
OLA non-polymer 'OLEIC ACID' 'C18 H34 O2'
OLC non-polymer '(2R)-2,3-dihydroxypropyl (9Z)-octadec-9-enoate' 'C21 H40 O4'
#
# COMPACT_ATOMS: atom_id res chain seq x y z
N LEU A 11 1.80 36.37 -10.21
CA LEU A 11 2.91 36.85 -11.02
C LEU A 11 3.69 37.94 -10.29
N GLU A 12 2.96 38.97 -9.84
CA GLU A 12 3.59 40.09 -9.19
C GLU A 12 4.15 39.71 -7.83
N ILE A 13 5.15 40.45 -7.39
CA ILE A 13 5.78 40.23 -6.08
C ILE A 13 4.77 40.54 -5.00
N ASP A 14 4.45 39.54 -4.17
CA ASP A 14 3.49 39.73 -3.10
C ASP A 14 4.13 40.44 -1.92
N LYS A 15 3.34 40.65 -0.87
CA LYS A 15 3.82 41.36 0.31
C LYS A 15 4.59 40.43 1.23
N LYS A 16 5.47 41.03 2.04
CA LYS A 16 6.26 40.32 3.06
C LYS A 16 7.24 39.34 2.43
N ASN A 17 7.91 39.77 1.36
CA ASN A 17 8.98 39.01 0.72
C ASN A 17 8.49 37.63 0.28
N CYS A 18 7.63 37.66 -0.74
CA CYS A 18 6.93 36.48 -1.24
C CYS A 18 6.76 36.60 -2.75
N CYS A 19 7.51 35.81 -3.50
CA CYS A 19 7.44 35.81 -4.96
C CYS A 19 6.60 34.61 -5.39
N VAL A 20 5.43 34.89 -5.96
CA VAL A 20 4.50 33.85 -6.43
C VAL A 20 4.23 34.08 -7.92
N PHE A 21 4.10 32.98 -8.67
CA PHE A 21 3.81 33.02 -10.09
C PHE A 21 2.59 32.14 -10.37
N ARG A 22 1.73 32.60 -11.27
CA ARG A 22 0.57 31.83 -11.71
C ARG A 22 0.68 31.64 -13.22
N ASP A 23 1.33 30.57 -13.64
CA ASP A 23 1.44 30.26 -15.05
C ASP A 23 0.08 29.89 -15.63
N ASP A 24 -0.05 30.07 -16.94
CA ASP A 24 -1.27 29.67 -17.64
C ASP A 24 -1.43 28.15 -17.67
N PHE A 25 -0.32 27.41 -17.56
CA PHE A 25 -0.41 25.96 -17.51
C PHE A 25 -1.15 25.48 -16.27
N ILE A 26 -1.01 26.22 -15.16
CA ILE A 26 -1.70 25.86 -13.93
C ILE A 26 -3.20 26.11 -14.06
N VAL A 27 -3.58 27.22 -14.70
CA VAL A 27 -4.99 27.57 -14.84
C VAL A 27 -5.69 26.68 -15.87
N LYS A 28 -4.96 26.06 -16.79
CA LYS A 28 -5.55 25.34 -17.90
C LYS A 28 -5.50 23.82 -17.74
N VAL A 29 -4.45 23.28 -17.12
CA VAL A 29 -4.23 21.84 -17.11
C VAL A 29 -4.68 21.23 -15.79
N LEU A 30 -4.53 21.97 -14.69
CA LEU A 30 -4.86 21.43 -13.38
C LEU A 30 -6.35 21.27 -13.11
N PRO A 31 -7.21 22.20 -13.51
CA PRO A 31 -8.66 22.05 -13.22
C PRO A 31 -9.22 20.74 -13.75
N PRO A 32 -8.94 20.33 -15.00
CA PRO A 32 -9.44 19.01 -15.43
C PRO A 32 -8.78 17.85 -14.71
N VAL A 33 -7.54 18.02 -14.23
CA VAL A 33 -6.91 16.98 -13.42
C VAL A 33 -7.61 16.88 -12.07
N LEU A 34 -7.94 18.01 -11.46
CA LEU A 34 -8.69 18.00 -10.22
C LEU A 34 -10.05 17.34 -10.39
N GLY A 35 -10.66 17.50 -11.57
CA GLY A 35 -11.94 16.86 -11.82
C GLY A 35 -11.83 15.36 -11.98
N LEU A 36 -10.81 14.90 -12.70
CA LEU A 36 -10.60 13.46 -12.84
C LEU A 36 -10.30 12.80 -11.50
N GLU A 37 -9.47 13.46 -10.68
CA GLU A 37 -9.23 12.95 -9.34
C GLU A 37 -10.50 12.98 -8.50
N PHE A 38 -11.42 13.89 -8.81
CA PHE A 38 -12.68 13.96 -8.06
C PHE A 38 -13.62 12.84 -8.48
N ILE A 39 -13.63 12.49 -9.77
CA ILE A 39 -14.56 11.47 -10.25
C ILE A 39 -14.14 10.08 -9.80
N PHE A 40 -12.91 9.70 -10.12
CA PHE A 40 -12.43 8.37 -9.73
C PHE A 40 -12.26 8.25 -8.22
N GLY A 41 -11.89 9.35 -7.56
CA GLY A 41 -11.76 9.31 -6.11
C GLY A 41 -13.09 9.09 -5.42
N LEU A 42 -14.15 9.76 -5.90
CA LEU A 42 -15.47 9.54 -5.32
C LEU A 42 -16.00 8.15 -5.65
N LEU A 43 -15.74 7.67 -6.86
CA LEU A 43 -16.20 6.34 -7.25
C LEU A 43 -15.45 5.26 -6.47
N GLY A 44 -14.13 5.38 -6.38
CA GLY A 44 -13.36 4.38 -5.67
C GLY A 44 -13.64 4.35 -4.18
N ASN A 45 -13.55 5.52 -3.53
CA ASN A 45 -13.82 5.57 -2.10
C ASN A 45 -15.28 5.29 -1.79
N GLY A 46 -16.19 5.68 -2.69
CA GLY A 46 -17.59 5.33 -2.50
C GLY A 46 -17.81 3.83 -2.56
N LEU A 47 -17.15 3.16 -3.51
CA LEU A 47 -17.21 1.70 -3.55
C LEU A 47 -16.61 1.10 -2.29
N ALA A 48 -15.43 1.60 -1.88
CA ALA A 48 -14.80 1.12 -0.65
C ALA A 48 -15.72 1.34 0.55
N LEU A 49 -16.29 2.54 0.66
CA LEU A 49 -17.21 2.83 1.76
C LEU A 49 -18.39 1.85 1.76
N TRP A 50 -18.84 1.44 0.59
CA TRP A 50 -19.93 0.48 0.52
C TRP A 50 -19.47 -0.92 0.92
N ILE A 51 -18.31 -1.34 0.40
CA ILE A 51 -17.81 -2.68 0.68
C ILE A 51 -17.44 -2.81 2.15
N PHE A 52 -16.72 -1.83 2.68
CA PHE A 52 -16.32 -1.86 4.09
C PHE A 52 -17.53 -1.90 5.01
N CYS A 53 -18.50 -0.99 4.79
CA CYS A 53 -19.56 -0.77 5.76
C CYS A 53 -20.79 -1.63 5.53
N PHE A 54 -21.02 -2.12 4.33
CA PHE A 54 -22.29 -2.82 4.10
C PHE A 54 -22.12 -4.22 3.51
N HIS A 55 -21.20 -4.42 2.57
CA HIS A 55 -21.05 -5.74 1.97
C HIS A 55 -20.56 -6.77 2.98
N LEU A 56 -19.36 -6.56 3.53
CA LEU A 56 -18.84 -7.45 4.56
C LEU A 56 -19.18 -6.92 5.94
N LYS A 57 -19.56 -7.82 6.85
CA LYS A 57 -19.97 -7.46 8.19
C LYS A 57 -18.90 -7.70 9.23
N SER A 58 -17.75 -8.26 8.85
CA SER A 58 -16.66 -8.55 9.75
C SER A 58 -15.61 -7.45 9.65
N TRP A 59 -15.32 -6.80 10.78
CA TRP A 59 -14.31 -5.74 10.85
C TRP A 59 -13.08 -6.28 11.56
N LYS A 60 -12.01 -6.50 10.81
CA LYS A 60 -10.74 -6.90 11.39
C LYS A 60 -9.91 -5.67 11.75
N SER A 61 -8.82 -5.90 12.47
CA SER A 61 -7.97 -4.79 12.92
C SER A 61 -7.29 -4.10 11.75
N SER A 62 -7.08 -4.83 10.65
CA SER A 62 -6.42 -4.24 9.48
C SER A 62 -7.37 -3.33 8.69
N ARG A 63 -8.65 -3.71 8.60
CA ARG A 63 -9.60 -2.87 7.88
C ARG A 63 -9.93 -1.60 8.64
N ILE A 64 -9.81 -1.63 9.97
CA ILE A 64 -10.06 -0.43 10.76
C ILE A 64 -8.98 0.62 10.48
N PHE A 65 -7.72 0.21 10.49
CA PHE A 65 -6.64 1.12 10.10
C PHE A 65 -6.79 1.55 8.65
N LEU A 66 -7.27 0.64 7.80
CA LEU A 66 -7.38 0.93 6.37
C LEU A 66 -8.57 1.83 6.05
N PHE A 67 -9.65 1.72 6.84
CA PHE A 67 -10.82 2.56 6.59
C PHE A 67 -10.55 4.03 6.89
N ASN A 68 -9.52 4.34 7.68
CA ASN A 68 -9.18 5.73 7.94
C ASN A 68 -8.75 6.45 6.67
N LEU A 69 -8.14 5.73 5.73
CA LEU A 69 -7.80 6.33 4.45
C LEU A 69 -9.05 6.77 3.69
N VAL A 70 -10.13 5.98 3.79
CA VAL A 70 -11.39 6.39 3.18
C VAL A 70 -11.89 7.67 3.82
N VAL A 71 -11.84 7.75 5.15
CA VAL A 71 -12.23 8.96 5.85
C VAL A 71 -11.31 10.11 5.48
N ALA A 72 -10.00 9.84 5.41
CA ALA A 72 -9.06 10.89 5.06
C ALA A 72 -9.22 11.34 3.60
N ASP A 73 -9.73 10.46 2.73
CA ASP A 73 -9.87 10.83 1.33
C ASP A 73 -11.10 11.69 1.09
N PHE A 74 -12.20 11.43 1.79
CA PHE A 74 -13.40 12.24 1.61
C PHE A 74 -13.21 13.67 2.06
N LEU A 75 -12.25 13.94 2.97
CA LEU A 75 -11.94 15.33 3.32
C LEU A 75 -11.42 16.09 2.11
N LEU A 76 -10.65 15.41 1.25
CA LEU A 76 -10.17 16.04 0.02
C LEU A 76 -11.21 16.02 -1.07
N ILE A 77 -12.07 14.99 -1.11
CA ILE A 77 -13.10 14.89 -2.14
C ILE A 77 -14.08 16.05 -2.01
N ILE A 78 -14.44 16.42 -0.78
CA ILE A 78 -15.37 17.52 -0.58
C ILE A 78 -14.80 18.82 -1.11
N CYS A 79 -13.51 19.05 -0.91
CA CYS A 79 -12.89 20.31 -1.30
C CYS A 79 -12.55 20.37 -2.79
N LEU A 80 -12.52 19.24 -3.48
CA LEU A 80 -12.11 19.25 -4.89
C LEU A 80 -12.99 20.10 -5.79
N PRO A 81 -14.33 20.12 -5.67
CA PRO A 81 -15.11 21.05 -6.49
C PRO A 81 -14.79 22.51 -6.18
N PHE A 82 -14.59 22.86 -4.91
CA PHE A 82 -14.22 24.23 -4.56
C PHE A 82 -12.81 24.55 -5.07
N LEU A 83 -11.90 23.58 -5.02
CA LEU A 83 -10.56 23.80 -5.52
C LEU A 83 -10.56 24.04 -7.02
N MET A 84 -11.39 23.31 -7.76
CA MET A 84 -11.56 23.58 -9.18
C MET A 84 -12.06 24.99 -9.42
N ASP A 85 -13.03 25.44 -8.60
CA ASP A 85 -13.57 26.78 -8.75
C ASP A 85 -12.52 27.85 -8.50
N ASN A 86 -11.49 27.53 -7.70
CA ASN A 86 -10.45 28.51 -7.43
C ASN A 86 -9.43 28.56 -8.55
N TYR A 87 -9.04 27.41 -9.10
CA TYR A 87 -8.04 27.39 -10.16
C TYR A 87 -8.59 27.94 -11.46
N VAL A 88 -9.89 27.79 -11.72
CA VAL A 88 -10.46 28.37 -12.93
C VAL A 88 -10.59 29.88 -12.79
N ARG A 89 -10.75 30.38 -11.56
CA ARG A 89 -10.84 31.80 -11.30
C ARG A 89 -9.49 32.44 -10.99
N ARG A 90 -8.39 31.73 -11.28
CA ARG A 90 -7.04 32.24 -11.08
C ARG A 90 -6.82 32.62 -9.61
N TRP A 91 -7.21 31.70 -8.72
CA TRP A 91 -7.05 31.85 -7.28
C TRP A 91 -7.88 32.99 -6.71
N ASP A 92 -8.99 33.33 -7.37
CA ASP A 92 -9.95 34.29 -6.84
C ASP A 92 -10.95 33.52 -5.99
N TRP A 93 -10.82 33.62 -4.67
CA TRP A 93 -11.65 32.87 -3.74
C TRP A 93 -13.00 33.56 -3.60
N LYS A 94 -13.99 33.10 -4.37
CA LYS A 94 -15.31 33.72 -4.31
C LYS A 94 -16.05 33.38 -3.03
N PHE A 95 -15.59 32.38 -2.27
CA PHE A 95 -16.28 31.97 -1.06
C PHE A 95 -15.78 32.79 0.13
N GLY A 96 -16.34 32.53 1.31
CA GLY A 96 -16.14 33.37 2.47
C GLY A 96 -14.88 33.05 3.25
N ASP A 97 -14.81 33.64 4.45
CA ASP A 97 -13.66 33.43 5.34
C ASP A 97 -13.64 31.99 5.85
N ILE A 98 -14.74 31.56 6.47
CA ILE A 98 -14.79 30.20 7.04
C ILE A 98 -14.62 29.13 5.97
N PRO A 99 -15.25 29.21 4.78
CA PRO A 99 -15.00 28.17 3.77
C PRO A 99 -13.55 28.04 3.37
N CYS A 100 -12.75 29.10 3.48
CA CYS A 100 -11.34 28.98 3.11
C CYS A 100 -10.53 28.31 4.21
N ARG A 101 -10.77 28.67 5.48
CA ARG A 101 -10.04 28.03 6.57
C ARG A 101 -10.31 26.53 6.62
N LEU A 102 -11.57 26.14 6.38
CA LEU A 102 -11.92 24.72 6.44
C LEU A 102 -11.27 23.94 5.30
N MET A 103 -11.22 24.54 4.10
CA MET A 103 -10.63 23.84 2.96
C MET A 103 -9.14 23.60 3.17
N LEU A 104 -8.42 24.60 3.69
CA LEU A 104 -7.00 24.41 3.98
C LEU A 104 -6.80 23.37 5.07
N PHE A 105 -7.65 23.38 6.09
CA PHE A 105 -7.56 22.38 7.15
C PHE A 105 -7.80 20.98 6.61
N MET A 106 -8.85 20.80 5.81
CA MET A 106 -9.16 19.48 5.28
C MET A 106 -8.12 19.03 4.27
N LEU A 107 -7.54 19.96 3.50
CA LEU A 107 -6.48 19.59 2.57
C LEU A 107 -5.25 19.09 3.32
N ALA A 108 -4.89 19.75 4.40
CA ALA A 108 -3.77 19.30 5.22
C ALA A 108 -4.14 18.05 6.02
N MET A 109 -5.41 17.95 6.44
CA MET A 109 -5.86 16.75 7.14
C MET A 109 -5.81 15.52 6.22
N ASN A 110 -6.13 15.71 4.95
CA ASN A 110 -6.07 14.60 4.00
C ASN A 110 -4.63 14.16 3.75
N ARG A 111 -3.73 15.13 3.58
CA ARG A 111 -2.33 14.80 3.30
C ARG A 111 -1.66 14.18 4.52
N GLN A 112 -1.72 14.87 5.66
CA GLN A 112 -1.09 14.36 6.87
C GLN A 112 -1.75 13.07 7.34
N GLY A 113 -3.07 12.96 7.14
CA GLY A 113 -3.76 11.73 7.53
C GLY A 113 -3.40 10.55 6.63
N SER A 114 -3.33 10.79 5.32
CA SER A 114 -2.94 9.71 4.41
C SER A 114 -1.51 9.27 4.66
N ILE A 115 -0.63 10.21 5.01
CA ILE A 115 0.76 9.85 5.28
C ILE A 115 0.84 8.95 6.51
N ILE A 116 0.13 9.30 7.57
CA ILE A 116 0.23 8.54 8.82
C ILE A 116 -0.37 7.15 8.64
N PHE A 117 -1.60 7.08 8.11
CA PHE A 117 -2.29 5.80 8.04
C PHE A 117 -1.73 4.88 6.95
N LEU A 118 -1.03 5.42 5.96
CA LEU A 118 -0.32 4.55 5.03
C LEU A 118 0.88 3.90 5.70
N THR A 119 1.44 4.55 6.73
CA THR A 119 2.50 3.93 7.51
C THR A 119 1.93 2.87 8.44
N VAL A 120 0.83 3.17 9.12
CA VAL A 120 0.20 2.21 10.01
C VAL A 120 -0.21 0.96 9.24
N VAL A 121 -0.70 1.13 8.02
CA VAL A 121 -1.01 -0.02 7.17
C VAL A 121 0.25 -0.83 6.90
N ALA A 122 1.36 -0.16 6.62
CA ALA A 122 2.62 -0.87 6.34
C ALA A 122 3.17 -1.53 7.61
N VAL A 123 3.06 -0.85 8.75
CA VAL A 123 3.55 -1.42 10.00
C VAL A 123 2.70 -2.62 10.41
N ASP A 124 1.39 -2.53 10.21
CA ASP A 124 0.51 -3.67 10.51
C ASP A 124 0.90 -4.88 9.69
N ARG A 125 0.95 -4.73 8.36
CA ARG A 125 1.35 -5.83 7.50
C ARG A 125 2.79 -6.27 7.77
N TYR A 126 3.62 -5.38 8.32
CA TYR A 126 4.99 -5.78 8.68
C TYR A 126 4.99 -6.79 9.80
N PHE A 127 4.08 -6.65 10.77
CA PHE A 127 4.02 -7.61 11.87
C PHE A 127 3.25 -8.86 11.48
N ARG A 128 2.27 -8.77 10.58
CA ARG A 128 1.58 -9.97 10.13
C ARG A 128 2.53 -10.91 9.40
N VAL A 129 3.54 -10.36 8.74
CA VAL A 129 4.44 -11.12 7.89
C VAL A 129 5.74 -11.45 8.62
N VAL A 130 6.40 -10.44 9.21
CA VAL A 130 7.73 -10.65 9.75
C VAL A 130 7.68 -11.24 11.15
N HIS A 131 6.72 -10.81 11.97
CA HIS A 131 6.60 -11.27 13.36
C HIS A 131 5.19 -11.79 13.61
N PRO A 132 4.85 -12.96 13.06
CA PRO A 132 3.46 -13.44 13.16
C PRO A 132 2.97 -13.65 14.58
N HIS A 133 3.88 -13.94 15.52
CA HIS A 133 3.48 -14.24 16.89
C HIS A 133 3.63 -13.06 17.84
N HIS A 134 3.99 -11.88 17.31
CA HIS A 134 4.10 -10.71 18.15
C HIS A 134 2.74 -10.28 18.68
N ALA A 135 2.74 -9.60 19.83
CA ALA A 135 1.49 -9.22 20.48
C ALA A 135 0.68 -8.22 19.67
N LEU A 136 1.33 -7.44 18.79
CA LEU A 136 0.64 -6.45 17.98
C LEU A 136 -0.26 -7.07 16.92
N ASN A 137 -0.12 -8.37 16.64
CA ASN A 137 -0.97 -9.03 15.67
C ASN A 137 -2.32 -9.42 16.24
N LYS A 138 -2.46 -9.48 17.56
CA LYS A 138 -3.69 -9.89 18.21
C LYS A 138 -4.47 -8.72 18.77
N ILE A 139 -4.35 -7.54 18.15
CA ILE A 139 -4.98 -6.34 18.68
C ILE A 139 -6.48 -6.39 18.43
N SER A 140 -7.26 -6.06 19.47
CA SER A 140 -8.71 -6.07 19.35
C SER A 140 -9.20 -4.90 18.50
N ASN A 141 -10.44 -5.01 18.04
CA ASN A 141 -11.04 -3.96 17.24
C ASN A 141 -11.17 -2.66 18.03
N ARG A 142 -11.49 -2.77 19.33
CA ARG A 142 -11.57 -1.58 20.17
C ARG A 142 -10.20 -0.95 20.35
N THR A 143 -9.16 -1.78 20.48
CA THR A 143 -7.81 -1.24 20.62
C THR A 143 -7.35 -0.57 19.34
N ALA A 144 -7.66 -1.16 18.18
CA ALA A 144 -7.31 -0.53 16.91
C ALA A 144 -8.09 0.77 16.70
N ALA A 145 -9.33 0.83 17.19
CA ALA A 145 -10.09 2.07 17.11
C ALA A 145 -9.51 3.16 17.98
N ILE A 146 -8.95 2.78 19.14
CA ILE A 146 -8.29 3.76 20.00
C ILE A 146 -7.03 4.29 19.34
N ILE A 147 -6.28 3.41 18.66
CA ILE A 147 -5.07 3.84 17.98
C ILE A 147 -5.41 4.81 16.85
N SER A 148 -6.47 4.51 16.09
CA SER A 148 -6.86 5.40 14.99
C SER A 148 -7.32 6.76 15.52
N CYS A 149 -8.03 6.77 16.65
CA CYS A 149 -8.45 8.05 17.22
C CYS A 149 -7.26 8.84 17.74
N LEU A 150 -6.31 8.17 18.39
CA LEU A 150 -5.11 8.84 18.86
C LEU A 150 -4.27 9.37 17.69
N LEU A 151 -4.26 8.65 16.58
CA LEU A 151 -3.52 9.11 15.41
C LEU A 151 -4.25 10.20 14.66
N TRP A 152 -5.59 10.23 14.74
CA TRP A 152 -6.32 11.38 14.21
C TRP A 152 -6.11 12.61 15.07
N GLY A 153 -6.08 12.43 16.39
CA GLY A 153 -5.80 13.55 17.27
C GLY A 153 -4.43 14.17 17.03
N ILE A 154 -3.45 13.35 16.62
CA ILE A 154 -2.17 13.90 16.20
C ILE A 154 -2.31 14.66 14.90
N THR A 155 -3.07 14.09 13.95
CA THR A 155 -3.30 14.78 12.68
C THR A 155 -4.04 16.09 12.89
N ILE A 156 -4.95 16.14 13.87
CA ILE A 156 -5.64 17.38 14.19
C ILE A 156 -4.64 18.45 14.63
N GLY A 157 -3.83 18.12 15.65
CA GLY A 157 -2.94 19.12 16.21
C GLY A 157 -1.93 19.67 15.22
N LEU A 158 -1.42 18.82 14.33
CA LEU A 158 -0.46 19.28 13.34
C LEU A 158 -1.09 20.24 12.34
N THR A 159 -2.39 20.11 12.09
CA THR A 159 -3.07 20.88 11.05
C THR A 159 -4.12 21.85 11.59
N VAL A 160 -4.36 21.85 12.91
CA VAL A 160 -5.42 22.69 13.46
C VAL A 160 -5.07 24.17 13.36
N HIS A 161 -3.79 24.52 13.24
CA HIS A 161 -3.39 25.92 13.18
C HIS A 161 -3.93 26.63 11.94
N LEU A 162 -4.28 25.90 10.89
CA LEU A 162 -4.80 26.50 9.68
C LEU A 162 -6.20 27.07 9.87
N LEU A 163 -6.87 26.75 10.97
CA LEU A 163 -8.16 27.34 11.29
C LEU A 163 -8.04 28.64 12.09
N LYS A 164 -6.85 28.98 12.57
CA LYS A 164 -6.68 30.18 13.36
C LYS A 164 -6.48 31.42 12.48
N LYS A 165 -5.68 31.30 11.43
CA LYS A 165 -5.39 32.45 10.57
C LYS A 165 -6.64 32.85 9.78
N LYS A 166 -6.92 34.15 9.76
CA LYS A 166 -8.07 34.68 9.04
C LYS A 166 -7.78 34.75 7.55
N MET A 167 -8.80 34.45 6.76
CA MET A 167 -8.70 34.35 5.31
C MET A 167 -9.90 35.08 4.69
N PRO A 168 -9.82 35.44 3.39
CA PRO A 168 -8.69 35.33 2.46
C PRO A 168 -7.69 36.47 2.62
N ILE A 169 -6.81 36.64 1.63
CA ILE A 169 -5.80 37.67 1.64
C ILE A 169 -5.87 38.41 0.30
N GLN A 170 -6.09 39.72 0.36
CA GLN A 170 -6.26 40.50 -0.86
C GLN A 170 -4.92 40.69 -1.56
N ASN A 171 -4.93 40.54 -2.88
CA ASN A 171 -3.73 40.73 -3.69
C ASN A 171 -4.10 40.91 -5.16
N ALA A 174 -8.62 41.23 -5.95
CA ALA A 174 -8.78 39.79 -5.91
C ALA A 174 -8.31 39.21 -4.59
N ASN A 175 -9.02 38.20 -4.10
CA ASN A 175 -8.70 37.54 -2.83
C ASN A 175 -8.19 36.13 -3.10
N LEU A 176 -7.11 35.75 -2.41
CA LEU A 176 -6.49 34.45 -2.54
C LEU A 176 -6.75 33.62 -1.29
N CYS A 177 -7.00 32.33 -1.47
CA CYS A 177 -7.19 31.39 -0.37
C CYS A 177 -6.03 30.39 -0.38
N SER A 178 -4.99 30.72 0.39
CA SER A 178 -3.81 29.87 0.46
C SER A 178 -3.05 30.18 1.73
N SER A 179 -2.44 29.13 2.31
CA SER A 179 -1.46 29.28 3.37
C SER A 179 -0.09 29.35 2.69
N PHE A 180 0.44 30.57 2.55
CA PHE A 180 1.71 30.78 1.87
C PHE A 180 2.86 30.15 2.64
N SER A 181 3.06 28.83 2.45
CA SER A 181 4.16 28.11 3.07
C SER A 181 5.39 28.03 2.17
N ILE A 182 5.23 28.31 0.86
CA ILE A 182 6.38 28.34 -0.04
C ILE A 182 7.15 29.65 0.03
N CYS A 183 6.65 30.63 0.80
CA CYS A 183 7.33 31.90 0.99
C CYS A 183 7.93 32.02 2.40
N HIS A 184 7.98 30.92 3.14
CA HIS A 184 8.59 30.90 4.46
C HIS A 184 9.95 30.21 4.35
N THR A 185 10.99 30.89 4.85
CA THR A 185 12.33 30.30 4.85
C THR A 185 12.38 29.11 5.80
N PHE A 186 13.40 28.28 5.62
CA PHE A 186 13.55 27.08 6.45
C PHE A 186 13.73 27.45 7.91
N GLN A 187 12.80 27.01 8.75
CA GLN A 187 12.89 27.25 10.20
C GLN A 187 12.48 25.97 10.92
N TRP A 188 12.12 26.11 12.19
CA TRP A 188 11.81 24.94 13.02
C TRP A 188 10.56 24.22 12.53
N HIS A 189 9.47 24.95 12.33
CA HIS A 189 8.24 24.34 11.84
C HIS A 189 8.45 23.67 10.49
N GLU A 190 9.26 24.28 9.62
CA GLU A 190 9.54 23.69 8.33
C GLU A 190 10.39 22.43 8.47
N ALA A 191 11.29 22.40 9.46
CA ALA A 191 12.03 21.18 9.75
C ALA A 191 11.12 20.09 10.29
N MET A 192 10.17 20.48 11.16
CA MET A 192 9.14 19.52 11.59
C MET A 192 8.35 19.00 10.40
N PHE A 193 8.02 19.89 9.45
CA PHE A 193 7.25 19.48 8.28
C PHE A 193 8.00 18.40 7.49
N LEU A 194 9.32 18.56 7.33
CA LEU A 194 10.09 17.57 6.59
C LEU A 194 10.22 16.27 7.37
N LEU A 195 10.38 16.37 8.70
CA LEU A 195 10.51 15.17 9.52
C LEU A 195 9.22 14.37 9.59
N GLU A 196 8.07 15.06 9.57
CA GLU A 196 6.77 14.38 9.55
C GLU A 196 6.55 13.58 8.28
N PHE A 197 7.39 13.76 7.26
CA PHE A 197 7.32 12.99 6.03
C PHE A 197 8.44 11.98 5.86
N PHE A 198 9.64 12.29 6.38
CA PHE A 198 10.78 11.41 6.16
C PHE A 198 10.80 10.23 7.13
N LEU A 199 10.32 10.42 8.36
CA LEU A 199 10.16 9.27 9.25
C LEU A 199 9.16 8.27 8.71
N PRO A 200 7.97 8.65 8.24
CA PRO A 200 7.09 7.67 7.58
C PRO A 200 7.69 7.12 6.30
N LEU A 201 8.43 7.93 5.55
CA LEU A 201 9.05 7.42 4.33
C LEU A 201 10.08 6.34 4.66
N GLY A 202 10.85 6.53 5.72
CA GLY A 202 11.82 5.53 6.11
C GLY A 202 11.17 4.26 6.63
N ILE A 203 10.08 4.40 7.40
CA ILE A 203 9.40 3.24 7.95
C ILE A 203 8.76 2.42 6.84
N ILE A 204 8.06 3.09 5.91
CA ILE A 204 7.38 2.37 4.83
C ILE A 204 8.39 1.69 3.92
N LEU A 205 9.49 2.38 3.58
CA LEU A 205 10.50 1.78 2.73
C LEU A 205 11.16 0.58 3.40
N PHE A 206 11.45 0.70 4.69
CA PHE A 206 12.07 -0.41 5.42
C PHE A 206 11.11 -1.59 5.53
N CYS A 207 9.85 -1.32 5.89
CA CYS A 207 8.86 -2.39 6.00
C CYS A 207 8.62 -3.05 4.66
N SER A 208 8.52 -2.24 3.58
CA SER A 208 8.33 -2.81 2.26
C SER A 208 9.51 -3.71 1.87
N ALA A 209 10.72 -3.32 2.27
CA ALA A 209 11.88 -4.14 1.96
C ALA A 209 11.85 -5.46 2.72
N ARG A 210 11.57 -5.40 4.03
CA ARG A 210 11.55 -6.61 4.84
C ARG A 210 10.41 -7.55 4.44
N ILE A 211 9.23 -6.98 4.14
CA ILE A 211 8.10 -7.82 3.77
C ILE A 211 8.35 -8.53 2.45
N ILE A 212 8.77 -7.79 1.42
CA ILE A 212 9.06 -8.39 0.12
C ILE A 212 10.19 -9.40 0.26
N TRP A 213 11.21 -9.07 1.04
CA TRP A 213 12.33 -9.99 1.26
C TRP A 213 11.85 -11.28 1.92
N SER A 214 10.99 -11.16 2.93
CA SER A 214 10.53 -12.36 3.64
C SER A 214 9.53 -13.16 2.82
N LEU A 215 8.69 -12.49 2.03
CA LEU A 215 7.68 -13.21 1.26
C LEU A 215 8.27 -13.89 0.04
N ARG A 216 9.19 -13.23 -0.66
CA ARG A 216 9.88 -13.90 -1.77
C ARG A 216 10.72 -15.07 -1.27
N GLN A 217 11.10 -15.08 0.00
CA GLN A 217 11.79 -16.23 0.57
C GLN A 217 10.83 -17.40 0.74
N ARG A 218 9.64 -17.14 1.31
CA ARG A 218 8.66 -18.21 1.49
C ARG A 218 8.27 -18.84 0.16
N GLN A 219 8.05 -18.00 -0.86
CA GLN A 219 7.71 -18.54 -2.17
C GLN A 219 8.86 -19.33 -2.77
N ALA A 220 10.11 -18.89 -2.52
CA ALA A 220 11.25 -19.63 -3.04
C ALA A 220 11.42 -20.97 -2.33
N ASP A 221 10.96 -21.07 -1.08
CA ASP A 221 11.04 -22.34 -0.36
C ASP A 221 9.95 -23.31 -0.79
N LEU A 222 8.74 -22.79 -1.05
CA LEU A 222 7.67 -23.64 -1.56
C LEU A 222 8.03 -24.23 -2.91
N GLU A 223 8.52 -23.39 -3.83
CA GLU A 223 8.89 -23.88 -5.15
C GLU A 223 10.12 -24.77 -5.11
N ASP A 224 10.98 -24.60 -4.10
CA ASP A 224 12.14 -25.47 -3.98
C ASP A 224 11.73 -26.87 -3.54
N ASN A 225 10.77 -26.96 -2.62
CA ASN A 225 10.26 -28.27 -2.20
C ASN A 225 9.50 -28.95 -3.33
N TRP A 226 8.63 -28.19 -4.02
CA TRP A 226 7.88 -28.77 -5.14
C TRP A 226 8.80 -29.16 -6.28
N GLU A 227 9.90 -28.43 -6.48
CA GLU A 227 10.87 -28.81 -7.49
C GLU A 227 11.54 -30.13 -7.14
N THR A 228 12.10 -30.22 -5.94
CA THR A 228 12.77 -31.46 -5.51
C THR A 228 11.84 -32.66 -5.53
N LEU A 229 10.52 -32.43 -5.51
CA LEU A 229 9.57 -33.54 -5.54
C LEU A 229 9.39 -34.06 -6.97
N ASN A 230 8.98 -33.18 -7.89
CA ASN A 230 8.81 -33.59 -9.29
C ASN A 230 10.15 -34.02 -9.89
N ASP A 231 11.22 -33.29 -9.59
CA ASP A 231 12.52 -33.62 -10.15
C ASP A 231 12.97 -35.01 -9.71
N ASN A 232 12.76 -35.35 -8.44
CA ASN A 232 13.20 -36.65 -7.94
C ASN A 232 12.40 -37.80 -8.54
N LEU A 233 11.12 -37.57 -8.83
CA LEU A 233 10.30 -38.62 -9.43
C LEU A 233 10.80 -38.97 -10.83
N LYS A 234 11.18 -37.95 -11.60
CA LYS A 234 11.77 -38.19 -12.91
C LYS A 234 13.04 -39.02 -12.81
N VAL A 235 13.76 -38.89 -11.70
CA VAL A 235 14.90 -39.77 -11.44
C VAL A 235 14.42 -41.19 -11.19
N ILE A 236 13.36 -41.35 -10.40
CA ILE A 236 12.86 -42.68 -10.07
C ILE A 236 12.33 -43.38 -11.32
N GLU A 237 11.61 -42.64 -12.16
CA GLU A 237 11.08 -43.21 -13.39
C GLU A 237 12.20 -43.60 -14.35
N LYS A 238 13.25 -42.80 -14.42
CA LYS A 238 14.40 -43.09 -15.28
C LYS A 238 15.47 -43.90 -14.57
N ALA A 239 15.19 -44.41 -13.36
CA ALA A 239 16.20 -45.13 -12.61
C ALA A 239 16.39 -46.54 -13.18
N ASP A 240 17.64 -46.99 -13.18
CA ASP A 240 17.97 -48.35 -13.59
C ASP A 240 18.70 -49.11 -12.48
N ASN A 241 18.77 -48.55 -11.28
CA ASN A 241 19.43 -49.19 -10.15
C ASN A 241 18.43 -49.36 -9.01
N ALA A 242 18.62 -50.42 -8.23
CA ALA A 242 17.75 -50.65 -7.08
C ALA A 242 18.08 -49.71 -5.92
N ALA A 243 19.32 -49.24 -5.84
CA ALA A 243 19.73 -48.34 -4.76
C ALA A 243 19.45 -46.89 -5.05
N GLN A 244 19.33 -46.50 -6.32
CA GLN A 244 19.03 -45.11 -6.66
C GLN A 244 17.66 -44.68 -6.14
N VAL A 245 16.69 -45.60 -6.14
CA VAL A 245 15.34 -45.23 -5.72
C VAL A 245 15.26 -45.09 -4.21
N LYS A 246 16.12 -45.78 -3.46
CA LYS A 246 16.11 -45.64 -2.00
C LYS A 246 16.60 -44.26 -1.58
N ASP A 247 17.60 -43.72 -2.29
CA ASP A 247 18.11 -42.40 -1.96
C ASP A 247 17.22 -41.30 -2.53
N ALA A 248 16.53 -41.56 -3.63
CA ALA A 248 15.67 -40.53 -4.22
C ALA A 248 14.45 -40.27 -3.35
N LEU A 249 13.85 -41.32 -2.79
CA LEU A 249 12.73 -41.14 -1.89
C LEU A 249 13.15 -40.43 -0.60
N THR A 250 14.43 -40.54 -0.23
CA THR A 250 14.92 -39.89 0.98
C THR A 250 14.80 -38.37 0.86
N LYS A 251 15.23 -37.82 -0.28
CA LYS A 251 15.11 -36.39 -0.50
C LYS A 251 13.66 -35.97 -0.61
N MET A 252 12.80 -36.82 -1.16
CA MET A 252 11.38 -36.50 -1.24
C MET A 252 10.73 -36.49 0.14
N ARG A 253 11.03 -37.49 0.95
CA ARG A 253 10.45 -37.58 2.28
C ARG A 253 10.86 -36.38 3.14
N ALA A 254 12.12 -35.96 3.03
CA ALA A 254 12.55 -34.74 3.71
C ALA A 254 11.86 -33.51 3.13
N ALA A 255 11.59 -33.51 1.83
CA ALA A 255 10.89 -32.37 1.23
C ALA A 255 9.42 -32.34 1.64
N ALA A 256 8.79 -33.52 1.75
CA ALA A 256 7.40 -33.57 2.17
C ALA A 256 7.24 -33.17 3.63
N LEU A 257 8.23 -33.45 4.47
CA LEU A 257 8.17 -33.04 5.87
C LEU A 257 8.49 -31.56 6.04
N ASP A 258 9.36 -31.01 5.19
CA ASP A 258 9.63 -29.58 5.26
C ASP A 258 8.42 -28.76 4.85
N ALA A 259 7.65 -29.25 3.88
CA ALA A 259 6.48 -28.51 3.41
C ALA A 259 5.37 -28.49 4.44
N GLN A 260 5.31 -29.51 5.31
CA GLN A 260 4.28 -29.53 6.35
C GLN A 260 4.51 -28.40 7.35
N LYS A 261 5.74 -28.23 7.82
CA LYS A 261 6.05 -27.20 8.80
C LYS A 261 6.08 -25.80 8.21
N ALA A 262 6.10 -25.67 6.88
CA ALA A 262 6.21 -24.35 6.26
C ALA A 262 4.88 -23.62 6.23
N THR A 263 3.78 -24.35 6.04
CA THR A 263 2.47 -23.72 5.90
C THR A 263 2.07 -23.05 7.21
N PRO A 264 1.79 -21.73 7.22
CA PRO A 264 1.39 -20.99 8.42
C PRO A 264 -0.12 -20.98 8.63
N MET A 277 -7.64 -25.69 4.16
CA MET A 277 -6.36 -26.27 4.56
C MET A 277 -6.56 -27.59 5.30
N LYS A 278 -7.82 -27.88 5.66
CA LYS A 278 -8.13 -29.13 6.34
C LYS A 278 -7.89 -30.31 5.42
N ASP A 279 -8.23 -30.18 4.13
CA ASP A 279 -7.98 -31.23 3.16
C ASP A 279 -6.56 -31.19 2.60
N PHE A 280 -5.77 -30.17 2.94
CA PHE A 280 -4.40 -30.07 2.48
C PHE A 280 -3.38 -30.56 3.51
N ARG A 281 -3.69 -30.46 4.80
CA ARG A 281 -2.77 -30.99 5.81
C ARG A 281 -2.77 -32.52 5.80
N HIS A 282 -3.94 -33.13 5.65
CA HIS A 282 -4.04 -34.58 5.56
C HIS A 282 -3.52 -35.11 4.22
N GLY A 283 -3.33 -34.24 3.23
CA GLY A 283 -2.75 -34.67 1.97
C GLY A 283 -1.28 -35.02 2.09
N PHE A 284 -0.55 -34.31 2.95
CA PHE A 284 0.83 -34.65 3.20
C PHE A 284 0.94 -35.91 4.06
N ASP A 285 -0.05 -36.18 4.90
CA ASP A 285 -0.10 -37.47 5.60
C ASP A 285 -0.15 -38.62 4.61
N ILE A 286 -1.03 -38.51 3.61
CA ILE A 286 -1.10 -39.52 2.56
C ILE A 286 0.16 -39.49 1.70
N LEU A 287 0.75 -38.32 1.53
CA LEU A 287 1.96 -38.21 0.72
C LEU A 287 3.13 -38.91 1.39
N VAL A 288 3.38 -38.58 2.66
CA VAL A 288 4.47 -39.21 3.39
C VAL A 288 4.22 -40.71 3.57
N GLY A 289 2.97 -41.09 3.85
CA GLY A 289 2.65 -42.49 4.01
C GLY A 289 2.89 -43.31 2.76
N GLN A 290 2.62 -42.72 1.59
CA GLN A 290 2.90 -43.42 0.34
C GLN A 290 4.39 -43.51 0.07
N ILE A 291 5.18 -42.56 0.56
CA ILE A 291 6.62 -42.66 0.45
C ILE A 291 7.14 -43.77 1.36
N ASP A 292 6.58 -43.89 2.56
CA ASP A 292 7.00 -44.96 3.47
C ASP A 292 6.68 -46.33 2.90
N ASP A 293 5.56 -46.45 2.19
CA ASP A 293 5.21 -47.73 1.57
C ASP A 293 6.21 -48.10 0.48
N ALA A 294 6.51 -47.15 -0.41
CA ALA A 294 7.53 -47.40 -1.41
C ALA A 294 8.93 -47.47 -0.81
N LEU A 295 9.11 -46.92 0.40
CA LEU A 295 10.40 -47.05 1.08
C LEU A 295 10.67 -48.49 1.48
N LYS A 296 9.63 -49.21 1.90
CA LYS A 296 9.77 -50.64 2.16
C LYS A 296 9.95 -51.43 0.86
N LEU A 297 9.24 -51.02 -0.20
CA LEU A 297 9.42 -51.70 -1.48
C LEU A 297 10.79 -51.43 -2.07
N ALA A 298 11.39 -50.28 -1.76
CA ALA A 298 12.73 -49.98 -2.27
C ALA A 298 13.80 -50.78 -1.54
N ASN A 299 13.59 -51.07 -0.26
CA ASN A 299 14.58 -51.82 0.51
C ASN A 299 14.52 -53.32 0.24
N GLU A 300 13.44 -53.81 -0.37
CA GLU A 300 13.30 -55.22 -0.70
C GLU A 300 13.72 -55.52 -2.14
N GLY A 301 14.43 -54.60 -2.79
CA GLY A 301 14.88 -54.81 -4.15
C GLY A 301 13.80 -54.77 -5.20
N LYS A 302 12.61 -54.27 -4.86
CA LYS A 302 11.49 -54.20 -5.80
C LYS A 302 11.68 -52.96 -6.67
N VAL A 303 12.57 -53.08 -7.65
CA VAL A 303 12.88 -51.95 -8.53
C VAL A 303 11.64 -51.54 -9.31
N LYS A 304 10.92 -52.51 -9.87
CA LYS A 304 9.74 -52.20 -10.67
C LYS A 304 8.52 -51.99 -9.79
N GLU A 305 8.46 -52.64 -8.62
CA GLU A 305 7.31 -52.51 -7.74
C GLU A 305 7.36 -51.24 -6.88
N ALA A 306 8.53 -50.63 -6.74
CA ALA A 306 8.64 -49.33 -6.07
C ALA A 306 8.55 -48.16 -7.04
N GLN A 307 9.03 -48.34 -8.28
CA GLN A 307 8.85 -47.32 -9.30
C GLN A 307 7.38 -47.12 -9.63
N ALA A 308 6.60 -48.21 -9.60
CA ALA A 308 5.17 -48.11 -9.88
C ALA A 308 4.42 -47.47 -8.71
N ALA A 309 4.80 -47.81 -7.48
CA ALA A 309 4.16 -47.18 -6.32
C ALA A 309 4.46 -45.70 -6.25
N ALA A 310 5.61 -45.28 -6.81
CA ALA A 310 5.93 -43.86 -6.87
C ALA A 310 5.04 -43.11 -7.87
N GLU A 311 4.39 -43.83 -8.80
CA GLU A 311 3.49 -43.18 -9.73
C GLU A 311 2.15 -42.86 -9.09
N GLN A 312 1.76 -43.61 -8.05
CA GLN A 312 0.61 -43.23 -7.25
C GLN A 312 0.84 -41.90 -6.54
N LEU A 313 2.10 -41.47 -6.41
CA LEU A 313 2.39 -40.17 -5.81
C LEU A 313 2.09 -39.02 -6.76
N LYS A 314 1.99 -39.28 -8.06
CA LYS A 314 1.57 -38.25 -9.01
C LYS A 314 0.08 -37.98 -8.94
N THR A 315 -0.72 -39.01 -8.64
CA THR A 315 -2.16 -38.83 -8.60
C THR A 315 -2.62 -38.20 -7.28
N THR A 316 -1.85 -38.37 -6.21
CA THR A 316 -2.25 -37.78 -4.93
C THR A 316 -1.91 -36.29 -4.85
N ARG A 317 -0.78 -35.88 -5.44
CA ARG A 317 -0.40 -34.47 -5.34
C ARG A 317 -1.25 -33.59 -6.24
N ASN A 318 -1.71 -34.13 -7.38
CA ASN A 318 -2.61 -33.37 -8.23
C ASN A 318 -3.94 -33.14 -7.53
N ALA A 319 -4.49 -34.19 -6.91
CA ALA A 319 -5.78 -34.08 -6.24
C ALA A 319 -5.70 -33.31 -4.93
N TYR A 320 -4.57 -33.40 -4.22
CA TYR A 320 -4.48 -32.90 -2.86
C TYR A 320 -3.54 -31.72 -2.66
N ILE A 321 -2.40 -31.68 -3.33
CA ILE A 321 -1.33 -30.74 -3.02
C ILE A 321 -1.36 -29.51 -3.94
N GLN A 322 -1.38 -29.75 -5.26
CA GLN A 322 -1.22 -28.66 -6.23
C GLN A 322 -2.21 -27.53 -6.01
N LYS A 323 -3.40 -27.83 -5.49
CA LYS A 323 -4.38 -26.80 -5.22
C LYS A 323 -3.92 -25.87 -4.10
N TYR A 324 -3.37 -26.44 -3.01
CA TYR A 324 -2.93 -25.61 -1.91
C TYR A 324 -1.64 -24.86 -2.24
N LEU A 325 -0.83 -25.41 -3.16
CA LEU A 325 0.35 -24.68 -3.61
C LEU A 325 -0.03 -23.44 -4.41
N MET A 326 -1.04 -23.56 -5.28
CA MET A 326 -1.46 -22.43 -6.09
C MET A 326 -2.21 -21.39 -5.25
N ASP A 327 -2.96 -21.84 -4.23
CA ASP A 327 -3.66 -20.90 -3.37
C ASP A 327 -2.67 -20.07 -2.54
N ARG A 328 -1.63 -20.71 -2.02
CA ARG A 328 -0.65 -19.99 -1.22
C ARG A 328 0.26 -19.13 -2.10
N HIS A 329 0.61 -19.63 -3.29
CA HIS A 329 1.41 -18.83 -4.21
C HIS A 329 0.67 -17.58 -4.65
N ALA A 330 -0.67 -17.65 -4.76
CA ALA A 330 -1.45 -16.47 -5.08
C ALA A 330 -1.61 -15.56 -3.86
N LYS A 331 -1.76 -16.15 -2.68
CA LYS A 331 -1.84 -15.35 -1.45
C LYS A 331 -0.55 -14.58 -1.24
N ILE A 332 0.59 -15.19 -1.54
CA ILE A 332 1.87 -14.50 -1.42
C ILE A 332 2.00 -13.40 -2.46
N LYS A 333 1.60 -13.70 -3.71
CA LYS A 333 1.71 -12.71 -4.79
C LYS A 333 0.85 -11.50 -4.51
N ARG A 334 -0.33 -11.69 -3.93
CA ARG A 334 -1.20 -10.56 -3.61
C ARG A 334 -0.66 -9.75 -2.43
N ALA A 335 0.04 -10.41 -1.50
CA ALA A 335 0.61 -9.69 -0.37
C ALA A 335 1.79 -8.82 -0.80
N ILE A 336 2.63 -9.34 -1.70
CA ILE A 336 3.73 -8.54 -2.23
C ILE A 336 3.20 -7.38 -3.06
N THR A 337 2.17 -7.65 -3.87
CA THR A 337 1.55 -6.58 -4.65
C THR A 337 0.95 -5.50 -3.75
N PHE A 338 0.44 -5.90 -2.59
CA PHE A 338 -0.17 -4.92 -1.69
C PHE A 338 0.86 -3.99 -1.08
N ILE A 339 1.99 -4.53 -0.63
CA ILE A 339 2.98 -3.69 0.05
C ILE A 339 3.73 -2.83 -0.95
N MET A 340 3.79 -3.25 -2.21
CA MET A 340 4.45 -2.43 -3.23
C MET A 340 3.62 -1.20 -3.56
N VAL A 341 2.30 -1.37 -3.74
CA VAL A 341 1.47 -0.23 -4.12
C VAL A 341 1.34 0.76 -2.98
N VAL A 342 1.41 0.29 -1.73
CA VAL A 342 1.41 1.21 -0.60
C VAL A 342 2.67 2.07 -0.60
N ALA A 343 3.80 1.48 -0.97
CA ALA A 343 5.04 2.25 -1.05
C ALA A 343 5.05 3.15 -2.28
N ILE A 344 4.57 2.64 -3.42
CA ILE A 344 4.58 3.43 -4.65
C ILE A 344 3.63 4.61 -4.52
N VAL A 345 2.42 4.38 -4.00
CA VAL A 345 1.47 5.47 -3.83
C VAL A 345 2.02 6.52 -2.89
N PHE A 346 2.68 6.09 -1.80
CA PHE A 346 3.23 7.05 -0.85
C PHE A 346 4.30 7.92 -1.49
N VAL A 347 5.07 7.35 -2.42
CA VAL A 347 6.17 8.10 -3.03
C VAL A 347 5.64 9.06 -4.10
N ILE A 348 4.97 8.51 -5.13
CA ILE A 348 4.57 9.32 -6.26
C ILE A 348 3.51 10.37 -5.94
N CYS A 349 2.93 10.33 -4.74
CA CYS A 349 1.94 11.32 -4.34
C CYS A 349 2.52 12.44 -3.47
N PHE A 350 3.40 12.10 -2.54
CA PHE A 350 3.86 13.07 -1.53
C PHE A 350 5.32 13.48 -1.67
N LEU A 351 6.16 12.65 -2.27
CA LEU A 351 7.57 12.98 -2.43
C LEU A 351 7.82 14.12 -3.41
N PRO A 352 7.16 14.17 -4.58
CA PRO A 352 7.45 15.27 -5.53
C PRO A 352 7.24 16.65 -4.93
N SER A 353 6.17 16.85 -4.16
CA SER A 353 5.96 18.14 -3.53
C SER A 353 7.02 18.44 -2.47
N VAL A 354 7.54 17.39 -1.82
CA VAL A 354 8.56 17.59 -0.79
C VAL A 354 9.87 18.07 -1.41
N VAL A 355 10.27 17.43 -2.52
CA VAL A 355 11.52 17.83 -3.18
C VAL A 355 11.43 19.26 -3.67
N VAL A 356 10.28 19.66 -4.22
CA VAL A 356 10.13 21.03 -4.70
C VAL A 356 10.17 22.02 -3.53
N ARG A 357 9.53 21.67 -2.40
CA ARG A 357 9.59 22.54 -1.24
C ARG A 357 11.01 22.65 -0.68
N ILE A 358 11.80 21.59 -0.81
CA ILE A 358 13.20 21.66 -0.36
C ILE A 358 13.99 22.57 -1.29
N ARG A 359 13.73 22.50 -2.60
CA ARG A 359 14.43 23.37 -3.54
C ARG A 359 14.09 24.84 -3.29
N ILE A 360 12.87 25.12 -2.86
CA ILE A 360 12.51 26.51 -2.55
C ILE A 360 13.20 26.98 -1.28
N PHE A 361 13.35 26.09 -0.29
CA PHE A 361 14.08 26.43 0.92
C PHE A 361 15.51 26.84 0.60
N TRP A 362 16.11 26.21 -0.41
CA TRP A 362 17.48 26.55 -0.79
C TRP A 362 17.55 27.89 -1.50
N LEU A 363 16.63 28.12 -2.45
CA LEU A 363 16.65 29.36 -3.22
C LEU A 363 16.34 30.58 -2.35
N LEU A 364 15.47 30.42 -1.35
CA LEU A 364 15.24 31.53 -0.42
C LEU A 364 16.50 31.82 0.40
N HIS A 365 17.25 30.78 0.74
CA HIS A 365 18.48 30.96 1.49
C HIS A 365 19.65 31.39 0.60
N THR A 366 19.61 31.03 -0.69
CA THR A 366 20.69 31.33 -1.62
C THR A 366 20.50 32.66 -2.33
N SER A 367 19.31 32.89 -2.90
CA SER A 367 19.07 34.06 -3.71
C SER A 367 18.23 35.14 -3.05
N GLY A 368 17.50 34.81 -1.99
CA GLY A 368 16.69 35.83 -1.34
C GLY A 368 15.44 36.16 -2.14
N THR A 369 14.88 37.34 -1.87
CA THR A 369 13.63 37.76 -2.49
C THR A 369 13.76 39.12 -3.16
N GLN A 370 14.97 39.48 -3.61
CA GLN A 370 15.15 40.72 -4.37
C GLN A 370 14.64 40.54 -5.79
N ASN A 371 15.19 39.56 -6.51
CA ASN A 371 14.76 39.21 -7.86
C ASN A 371 13.83 38.01 -7.78
N CYS A 372 12.59 38.19 -8.24
CA CYS A 372 11.58 37.13 -8.17
C CYS A 372 11.67 36.13 -9.32
N GLU A 373 12.33 36.47 -10.42
CA GLU A 373 12.37 35.60 -11.59
C GLU A 373 13.10 34.29 -11.32
N VAL A 374 13.84 34.18 -10.20
CA VAL A 374 14.47 32.92 -9.84
C VAL A 374 13.44 31.88 -9.45
N TYR A 375 12.22 32.30 -9.10
CA TYR A 375 11.18 31.40 -8.62
C TYR A 375 10.08 31.15 -9.65
N ARG A 376 10.29 31.57 -10.90
CA ARG A 376 9.23 31.41 -11.91
C ARG A 376 9.01 29.94 -12.24
N SER A 377 10.06 29.25 -12.69
CA SER A 377 9.92 27.86 -13.07
C SER A 377 9.69 26.96 -11.86
N VAL A 378 10.16 27.37 -10.68
CA VAL A 378 9.99 26.54 -9.49
C VAL A 378 8.54 26.56 -9.03
N ASP A 379 7.88 27.72 -9.16
CA ASP A 379 6.47 27.80 -8.77
C ASP A 379 5.60 26.92 -9.65
N LEU A 380 5.93 26.84 -10.94
CA LEU A 380 5.19 25.95 -11.84
C LEU A 380 5.36 24.50 -11.42
N ALA A 381 6.55 24.13 -10.95
CA ALA A 381 6.78 22.77 -10.48
C ALA A 381 5.99 22.48 -9.20
N PHE A 382 5.86 23.49 -8.34
CA PHE A 382 5.18 23.27 -7.06
C PHE A 382 3.72 22.91 -7.27
N PHE A 383 2.99 23.71 -8.05
CA PHE A 383 1.58 23.43 -8.29
C PHE A 383 1.37 22.21 -9.17
N ILE A 384 2.38 21.80 -9.94
CA ILE A 384 2.30 20.54 -10.67
C ILE A 384 2.38 19.36 -9.71
N THR A 385 3.41 19.36 -8.85
CA THR A 385 3.51 18.31 -7.84
C THR A 385 2.44 18.41 -6.78
N LEU A 386 1.74 19.56 -6.70
CA LEU A 386 0.65 19.68 -5.76
C LEU A 386 -0.55 18.84 -6.20
N SER A 387 -0.78 18.73 -7.51
CA SER A 387 -1.81 17.84 -8.00
C SER A 387 -1.43 16.37 -7.79
N PHE A 388 -0.13 16.08 -7.76
CA PHE A 388 0.32 14.73 -7.38
C PHE A 388 -0.14 14.40 -5.97
N THR A 389 -0.11 15.38 -5.07
CA THR A 389 -0.59 15.17 -3.71
C THR A 389 -2.08 14.83 -3.70
N TYR A 390 -2.84 15.46 -4.58
CA TYR A 390 -4.27 15.18 -4.68
C TYR A 390 -4.59 13.88 -5.38
N MET A 391 -3.59 13.20 -5.96
CA MET A 391 -3.82 11.91 -6.60
C MET A 391 -4.12 10.80 -5.60
N ASN A 392 -3.91 11.03 -4.30
CA ASN A 392 -4.07 9.95 -3.33
C ASN A 392 -5.51 9.53 -3.15
N VAL A 393 -6.49 10.28 -3.69
CA VAL A 393 -7.88 9.86 -3.57
C VAL A 393 -8.27 8.88 -4.67
N MET A 394 -7.56 8.88 -5.80
CA MET A 394 -7.83 7.92 -6.86
C MET A 394 -6.85 6.76 -6.89
N LEU A 395 -5.81 6.78 -6.05
CA LEU A 395 -4.87 5.69 -5.94
C LEU A 395 -5.09 4.84 -4.69
N ASP A 396 -5.66 5.41 -3.63
CA ASP A 396 -6.03 4.60 -2.47
C ASP A 396 -7.03 3.50 -2.80
N PRO A 397 -7.97 3.65 -3.75
CA PRO A 397 -8.77 2.48 -4.17
C PRO A 397 -7.94 1.28 -4.59
N VAL A 398 -6.77 1.50 -5.20
CA VAL A 398 -5.89 0.39 -5.54
C VAL A 398 -5.33 -0.27 -4.28
N VAL A 399 -5.08 0.52 -3.24
CA VAL A 399 -4.62 -0.05 -1.97
C VAL A 399 -5.72 -0.91 -1.37
N TYR A 400 -6.97 -0.46 -1.44
CA TYR A 400 -8.07 -1.24 -0.87
C TYR A 400 -8.26 -2.55 -1.62
N TYR A 401 -8.06 -2.53 -2.94
CA TYR A 401 -8.35 -3.71 -3.76
C TYR A 401 -7.43 -4.88 -3.38
N PHE A 402 -6.13 -4.62 -3.28
CA PHE A 402 -5.17 -5.67 -2.98
C PHE A 402 -5.00 -5.93 -1.49
N SER A 403 -5.77 -5.26 -0.63
CA SER A 403 -5.61 -5.45 0.80
C SER A 403 -6.13 -6.82 1.23
N SER A 404 -7.24 -7.26 0.65
CA SER A 404 -7.87 -8.52 1.02
C SER A 404 -8.54 -9.10 -0.21
N PRO A 405 -8.62 -10.43 -0.32
CA PRO A 405 -9.34 -11.04 -1.44
C PRO A 405 -10.84 -10.79 -1.42
N SER A 406 -11.36 -10.12 -0.39
CA SER A 406 -12.79 -9.82 -0.36
C SER A 406 -13.18 -8.75 -1.36
N PHE A 407 -12.23 -7.86 -1.71
CA PHE A 407 -12.54 -6.83 -2.69
C PHE A 407 -12.73 -7.39 -4.09
N PRO A 408 -11.82 -8.20 -4.64
CA PRO A 408 -12.11 -8.81 -5.95
C PRO A 408 -13.27 -9.77 -5.90
N ASN A 409 -13.55 -10.37 -4.74
CA ASN A 409 -14.70 -11.25 -4.61
C ASN A 409 -16.01 -10.46 -4.57
N PHE A 410 -15.97 -9.18 -4.23
CA PHE A 410 -17.17 -8.36 -4.32
C PHE A 410 -17.57 -8.13 -5.78
N PHE A 411 -16.60 -7.76 -6.62
CA PHE A 411 -16.91 -7.52 -8.02
C PHE A 411 -17.14 -8.81 -8.78
N SER A 412 -16.51 -9.91 -8.34
CA SER A 412 -16.72 -11.19 -9.01
C SER A 412 -18.12 -11.73 -8.73
N THR A 413 -18.58 -11.62 -7.48
CA THR A 413 -19.95 -12.02 -7.15
C THR A 413 -20.98 -11.01 -7.63
N LEU A 414 -20.58 -9.75 -7.82
CA LEU A 414 -21.48 -8.78 -8.43
C LEU A 414 -21.65 -9.06 -9.92
N ILE A 415 -20.58 -9.46 -10.60
CA ILE A 415 -20.68 -9.80 -12.01
C ILE A 415 -21.26 -11.20 -12.21
N ASN A 416 -21.30 -12.02 -11.15
CA ASN A 416 -21.99 -13.30 -11.26
C ASN A 416 -23.48 -13.10 -11.51
N ARG A 417 -24.05 -12.06 -10.92
CA ARG A 417 -25.46 -11.73 -11.14
C ARG A 417 -25.71 -11.15 -12.54
N CYS A 418 -24.64 -10.77 -13.25
CA CYS A 418 -24.74 -10.25 -14.61
C CYS A 418 -25.68 -9.05 -14.70
C1 OLA B . -18.25 7.09 9.13
O1 OLA B . -18.17 7.66 8.02
O2 OLA B . -17.62 7.46 10.14
C2 OLA B . -19.14 5.87 9.25
C3 OLA B . -18.43 4.63 9.70
C4 OLA B . -19.26 3.38 9.50
C5 OLA B . -20.43 3.25 10.43
C6 OLA B . -21.35 2.09 10.11
C7 OLA B . -22.01 2.19 8.75
C8 OLA B . -22.91 3.36 8.58
C9 OLA B . -23.27 3.64 7.16
C1 OLA C . 19.55 26.92 5.28
O1 OLA C . 18.81 27.49 6.11
O2 OLA C . 20.75 26.76 5.55
C2 OLA C . 18.99 26.40 3.97
C3 OLA C . 18.53 24.95 4.13
C4 OLA C . 17.52 24.57 3.06
C5 OLA C . 16.85 23.23 3.34
C6 OLA C . 17.86 22.20 3.84
C7 OLA C . 17.73 20.90 3.04
C8 OLA C . 17.61 19.71 3.98
C9 OLA C . 16.57 20.02 5.04
C10 OLA C . 16.57 19.31 6.32
C11 OLA C . 16.76 17.81 6.36
C12 OLA C . 16.71 17.35 7.80
C13 OLA C . 15.31 17.54 8.38
C14 OLA C . 15.33 18.50 9.58
C15 OLA C . 16.53 18.26 10.49
C16 OLA C . 16.36 19.00 11.82
C17 OLA C . 17.54 18.73 12.75
C18 OLA C . 17.13 18.92 14.21
C11 OLA D . 2.54 4.15 14.11
C12 OLA D . 3.26 5.20 13.32
C13 OLA D . 3.10 6.61 13.86
C14 OLA D . 3.85 7.66 13.07
C15 OLA D . 3.70 9.05 13.61
C16 OLA D . 4.43 10.11 12.82
C17 OLA D . 4.24 11.51 13.34
C11 OLA E . -12.56 6.99 14.10
C12 OLA E . -12.40 8.05 13.06
C13 OLA E . -12.31 9.46 13.59
C14 OLA E . -12.03 10.50 12.55
C15 OLA E . -11.89 11.91 13.10
C16 OLA E . -11.38 12.92 12.10
C17 OLA E . -12.24 13.10 10.88
C1 OLA F . -8.10 -2.65 -9.47
C2 OLA F . -8.09 -1.14 -9.29
C3 OLA F . -9.45 -0.54 -9.15
C4 OLA F . -9.99 -0.60 -7.73
C5 OLA F . -11.41 -0.12 -7.60
C6 OLA F . -11.83 0.25 -6.20
C7 OLA F . -11.95 -0.92 -5.24
C8 OLA F . -12.47 -0.54 -3.89
C1 OLA G . 11.32 -1.07 -1.68
O1 OLA G . 11.41 -2.31 -1.92
O2 OLA G . 10.19 -0.60 -1.44
C2 OLA G . 12.54 -0.18 -1.71
C3 OLA G . 13.57 -0.60 -0.66
C4 OLA G . 13.88 0.56 0.29
C5 OLA G . 15.33 0.58 0.76
C6 OLA G . 15.52 0.06 2.19
C7 OLA G . 15.02 1.03 3.25
C8 OLA G . 16.11 1.49 4.20
C9 OLA G . 15.65 2.73 4.93
C10 OLA G . 15.96 3.99 4.59
C11 OLA G . 16.85 4.38 3.43
C12 OLA G . 16.03 4.71 2.19
C13 OLA G . 16.90 5.34 1.11
C14 OLA G . 17.10 4.40 -0.08
C18 OLC H . 13.99 8.28 15.58
C10 OLC H . 13.12 1.46 15.64
C9 OLC H . 12.44 0.40 15.98
C17 OLC H . 15.48 8.10 15.52
C11 OLC H . 14.54 1.45 15.15
C8 OLC H . 12.93 -1.02 15.86
C24 OLC H . 8.87 -10.47 17.30
C16 OLC H . 16.07 7.44 16.74
C12 OLC H . 15.09 2.82 14.90
C7 OLC H . 11.96 -2.03 16.39
C15 OLC H . 15.54 6.05 17.02
C13 OLC H . 15.09 3.73 16.11
C6 OLC H . 10.72 -2.24 15.54
C14 OLC H . 15.70 5.09 15.86
C5 OLC H . 10.97 -2.92 14.21
C4 OLC H . 11.92 -4.09 14.27
C3 OLC H . 11.76 -4.96 15.50
C2 OLC H . 10.59 -5.89 15.41
C21 OLC H . 10.34 -8.53 17.96
C1 OLC H . 10.24 -6.53 16.73
C22 OLC H . 10.24 -10.02 17.74
O19 OLC H . 9.92 -5.92 17.71
O25 OLC H . 8.78 -11.90 17.25
O23 OLC H . 11.23 -10.42 16.78
O20 OLC H . 10.34 -7.86 16.69
#